data_3G53
#
_entry.id   3G53
#
_cell.length_a   93.190
_cell.length_b   43.870
_cell.length_c   83.350
_cell.angle_alpha   90.00
_cell.angle_beta   121.88
_cell.angle_gamma   90.00
#
_symmetry.space_group_name_H-M   'C 1 2 1'
#
loop_
_entity.id
_entity.type
_entity.pdbx_description
1 polymer Globin-1
2 non-polymer 'PROTOPORPHYRIN IX CONTAINING FE'
3 non-polymer 'CARBON MONOXIDE'
4 non-polymer (3-chloropropyl)benzene
5 water water
#
_entity_poly.entity_id   1
_entity_poly.type   'polypeptide(L)'
_entity_poly.pdbx_seq_one_letter_code
;PSVYDAAAQLTADVKKDLRDSWKVIGSDKKGNGVALMTTLFADNQETIGYFKRLGDVSQGMANDKLRGHSITLMYALQNF
IDQLDNPDDLVCVVEKFAVNHITRKISAAEFGKINGPIKKVLASKNFGDKYANAWAKLVAVVQAAL
;
_entity_poly.pdbx_strand_id   A,B
#
loop_
_chem_comp.id
_chem_comp.type
_chem_comp.name
_chem_comp.formula
CMO non-polymer 'CARBON MONOXIDE' 'C O'
HEM non-polymer 'PROTOPORPHYRIN IX CONTAINING FE' 'C34 H32 Fe N4 O4'
LT1 non-polymer (3-chloropropyl)benzene 'C9 H11 Cl'
#
# COMPACT_ATOMS: atom_id res chain seq x y z
N SER A 2 -15.57 15.29 -11.00
CA SER A 2 -14.65 14.54 -11.91
C SER A 2 -13.26 14.35 -11.31
N VAL A 3 -12.85 13.10 -11.16
CA VAL A 3 -11.55 12.81 -10.60
C VAL A 3 -10.46 13.39 -11.49
N TYR A 4 -10.72 13.43 -12.80
CA TYR A 4 -9.76 13.98 -13.75
C TYR A 4 -9.60 15.49 -13.62
N ASP A 5 -10.71 16.19 -13.37
CA ASP A 5 -10.63 17.64 -13.21
C ASP A 5 -9.93 17.96 -11.90
N ALA A 6 -10.14 17.10 -10.90
CA ALA A 6 -9.51 17.30 -9.58
C ALA A 6 -8.00 17.11 -9.69
N ALA A 7 -7.61 16.07 -10.43
CA ALA A 7 -6.19 15.78 -10.62
C ALA A 7 -5.52 16.93 -11.36
N ALA A 8 -6.28 17.60 -12.20
CA ALA A 8 -5.78 18.74 -12.98
C ALA A 8 -5.45 19.94 -12.09
N GLN A 9 -5.93 19.90 -10.85
CA GLN A 9 -5.69 20.98 -9.91
C GLN A 9 -4.31 20.88 -9.26
N LEU A 10 -3.65 19.74 -9.46
CA LEU A 10 -2.32 19.55 -8.90
C LEU A 10 -1.29 20.19 -9.81
N THR A 11 -1.12 21.50 -9.66
CA THR A 11 -0.17 22.26 -10.46
C THR A 11 1.27 22.05 -10.00
N ALA A 12 2.20 22.65 -10.74
CA ALA A 12 3.62 22.54 -10.44
C ALA A 12 3.93 22.93 -9.00
N ASP A 13 3.38 24.06 -8.56
CA ASP A 13 3.60 24.53 -7.21
C ASP A 13 3.01 23.60 -6.15
N VAL A 14 1.83 23.06 -6.43
CA VAL A 14 1.17 22.15 -5.51
C VAL A 14 1.97 20.86 -5.38
N LYS A 15 2.44 20.33 -6.51
CA LYS A 15 3.23 19.10 -6.50
C LYS A 15 4.53 19.29 -5.74
N LYS A 16 5.15 20.45 -5.89
CA LYS A 16 6.42 20.72 -5.20
C LYS A 16 6.20 20.73 -3.69
N ASP A 17 5.14 21.38 -3.23
CA ASP A 17 4.86 21.44 -1.81
C ASP A 17 4.54 20.06 -1.25
N LEU A 18 3.87 19.24 -2.03
CA LEU A 18 3.54 17.88 -1.59
C LEU A 18 4.82 17.08 -1.42
N ARG A 19 5.72 17.15 -2.40
CA ARG A 19 6.99 16.41 -2.33
C ARG A 19 7.89 16.89 -1.20
N ASP A 20 8.06 18.21 -1.08
CA ASP A 20 8.91 18.77 -0.04
C ASP A 20 8.47 18.38 1.34
N SER A 21 7.18 18.48 1.61
CA SER A 21 6.67 18.12 2.93
C SER A 21 6.73 16.60 3.12
N TRP A 22 6.39 15.84 2.08
CA TRP A 22 6.42 14.38 2.20
C TRP A 22 7.81 13.85 2.56
N LYS A 23 8.86 14.52 2.09
CA LYS A 23 10.20 14.07 2.40
C LYS A 23 10.39 13.99 3.91
N VAL A 24 9.72 14.89 4.63
CA VAL A 24 9.82 14.92 6.08
C VAL A 24 8.84 13.99 6.78
N ILE A 25 7.55 14.13 6.50
CA ILE A 25 6.58 13.29 7.17
C ILE A 25 6.64 11.82 6.77
N GLY A 26 7.02 11.57 5.52
CA GLY A 26 7.12 10.20 5.06
C GLY A 26 8.34 9.44 5.56
N SER A 27 9.24 10.14 6.23
CA SER A 27 10.46 9.52 6.75
C SER A 27 10.20 8.66 7.98
N ASP A 28 9.07 8.90 8.65
CA ASP A 28 8.70 8.14 9.83
C ASP A 28 7.26 7.69 9.67
N LYS A 29 7.05 6.69 8.83
CA LYS A 29 5.73 6.17 8.54
C LYS A 29 4.99 5.59 9.74
N LYS A 30 5.68 4.86 10.60
CA LYS A 30 5.02 4.28 11.77
C LYS A 30 4.61 5.39 12.74
N GLY A 31 5.55 6.28 13.06
CA GLY A 31 5.26 7.36 13.99
C GLY A 31 4.18 8.32 13.52
N ASN A 32 4.35 8.86 12.32
CA ASN A 32 3.38 9.81 11.79
C ASN A 32 2.07 9.17 11.34
N GLY A 33 2.12 7.90 10.95
CA GLY A 33 0.91 7.22 10.54
C GLY A 33 -0.02 7.03 11.74
N VAL A 34 0.55 6.58 12.85
CA VAL A 34 -0.25 6.39 14.06
C VAL A 34 -0.73 7.73 14.58
N ALA A 35 0.11 8.75 14.47
CA ALA A 35 -0.27 10.09 14.93
C ALA A 35 -1.48 10.57 14.13
N LEU A 36 -1.45 10.35 12.82
CA LEU A 36 -2.56 10.74 11.97
C LEU A 36 -3.86 10.09 12.45
N MET A 37 -3.84 8.77 12.65
CA MET A 37 -5.03 8.05 13.10
C MET A 37 -5.51 8.41 14.49
N THR A 38 -4.60 8.51 15.45
CA THR A 38 -5.00 8.85 16.82
C THR A 38 -5.64 10.24 16.86
N THR A 39 -5.15 11.13 16.00
CA THR A 39 -5.70 12.49 15.94
C THR A 39 -7.11 12.43 15.35
N LEU A 40 -7.28 11.62 14.31
CA LEU A 40 -8.60 11.48 13.69
C LEU A 40 -9.62 11.00 14.72
N PHE A 41 -9.25 9.96 15.48
CA PHE A 41 -10.15 9.40 16.48
C PHE A 41 -10.43 10.36 17.63
N ALA A 42 -9.42 11.13 18.03
CA ALA A 42 -9.58 12.08 19.13
C ALA A 42 -10.44 13.28 18.74
N ASP A 43 -10.20 13.83 17.55
CA ASP A 43 -10.94 14.99 17.07
C ASP A 43 -12.30 14.67 16.46
N ASN A 44 -12.46 13.44 15.97
CA ASN A 44 -13.73 13.03 15.37
C ASN A 44 -14.14 11.65 15.88
N GLN A 45 -14.52 11.60 17.16
CA GLN A 45 -14.92 10.35 17.79
C GLN A 45 -16.00 9.59 17.03
N GLU A 46 -16.83 10.30 16.27
CA GLU A 46 -17.92 9.66 15.54
C GLU A 46 -17.45 8.76 14.40
N THR A 47 -16.15 8.75 14.11
CA THR A 47 -15.63 7.92 13.03
C THR A 47 -15.09 6.58 13.56
N ILE A 48 -14.85 6.51 14.87
CA ILE A 48 -14.30 5.29 15.48
C ILE A 48 -15.08 4.02 15.14
N GLY A 49 -16.40 4.14 15.04
CA GLY A 49 -17.23 2.99 14.73
C GLY A 49 -16.85 2.23 13.48
N TYR A 50 -16.38 2.97 12.47
CA TYR A 50 -15.97 2.36 11.20
C TYR A 50 -14.77 1.44 11.35
N PHE A 51 -13.95 1.69 12.37
CA PHE A 51 -12.74 0.92 12.59
C PHE A 51 -12.83 -0.21 13.60
N LYS A 52 -14.01 -0.82 13.68
CA LYS A 52 -14.28 -1.93 14.59
C LYS A 52 -13.25 -3.06 14.53
N ARG A 53 -12.75 -3.36 13.32
CA ARG A 53 -11.78 -4.44 13.14
C ARG A 53 -10.47 -4.21 13.89
N LEU A 54 -10.10 -2.95 14.09
CA LEU A 54 -8.85 -2.64 14.76
C LEU A 54 -8.86 -2.78 16.29
N GLY A 55 -10.03 -3.07 16.86
CA GLY A 55 -10.11 -3.22 18.30
C GLY A 55 -10.08 -1.91 19.05
N ASP A 56 -9.38 -1.88 20.18
CA ASP A 56 -9.29 -0.66 21.00
C ASP A 56 -8.26 0.31 20.43
N VAL A 57 -8.73 1.26 19.64
CA VAL A 57 -7.85 2.24 19.01
C VAL A 57 -7.24 3.24 19.99
N SER A 58 -7.78 3.31 21.20
CA SER A 58 -7.27 4.25 22.20
C SER A 58 -5.88 3.81 22.68
N GLN A 59 -5.53 2.55 22.42
CA GLN A 59 -4.23 2.01 22.82
C GLN A 59 -3.10 2.52 21.93
N GLY A 60 -3.46 3.15 20.81
CA GLY A 60 -2.47 3.69 19.91
C GLY A 60 -1.40 2.74 19.41
N MET A 61 -0.15 3.15 19.56
CA MET A 61 1.01 2.37 19.12
C MET A 61 1.06 0.95 19.69
N ALA A 62 0.43 0.74 20.85
CA ALA A 62 0.42 -0.57 21.50
C ALA A 62 -0.50 -1.57 20.80
N ASN A 63 -1.41 -1.05 19.99
CA ASN A 63 -2.37 -1.87 19.25
C ASN A 63 -1.71 -2.32 17.95
N ASP A 64 -1.40 -3.62 17.85
CA ASP A 64 -0.77 -4.15 16.64
C ASP A 64 -1.58 -3.96 15.37
N LYS A 65 -2.88 -4.12 15.45
CA LYS A 65 -3.71 -3.95 14.27
C LYS A 65 -3.72 -2.50 13.80
N LEU A 66 -3.73 -1.58 14.75
CA LEU A 66 -3.71 -0.16 14.41
C LEU A 66 -2.37 0.23 13.82
N ARG A 67 -1.28 -0.32 14.36
CA ARG A 67 0.04 0.01 13.84
C ARG A 67 0.19 -0.51 12.41
N GLY A 68 -0.26 -1.73 12.16
CA GLY A 68 -0.17 -2.31 10.82
C GLY A 68 -0.99 -1.51 9.83
N HIS A 69 -2.17 -1.09 10.25
CA HIS A 69 -3.06 -0.30 9.41
C HIS A 69 -2.41 1.05 9.10
N SER A 70 -1.91 1.70 10.14
CA SER A 70 -1.30 3.02 10.02
C SER A 70 -0.07 3.06 9.11
N ILE A 71 0.79 2.05 9.21
CA ILE A 71 1.97 2.00 8.36
C ILE A 71 1.52 1.83 6.91
N THR A 72 0.56 0.94 6.70
CA THR A 72 0.06 0.70 5.35
C THR A 72 -0.59 1.94 4.75
N LEU A 73 -1.29 2.70 5.56
CA LEU A 73 -1.93 3.92 5.08
C LEU A 73 -0.86 4.87 4.54
N MET A 74 0.29 4.92 5.21
CA MET A 74 1.36 5.80 4.77
C MET A 74 1.93 5.37 3.42
N TYR A 75 1.84 4.08 3.11
CA TYR A 75 2.32 3.62 1.81
C TYR A 75 1.33 3.95 0.71
N ALA A 76 0.08 4.23 1.08
CA ALA A 76 -0.92 4.61 0.10
C ALA A 76 -0.56 6.05 -0.29
N LEU A 77 -0.15 6.85 0.68
CA LEU A 77 0.24 8.22 0.39
C LEU A 77 1.53 8.24 -0.43
N GLN A 78 2.47 7.35 -0.10
CA GLN A 78 3.73 7.27 -0.84
C GLN A 78 3.41 6.96 -2.31
N ASN A 79 2.44 6.07 -2.50
CA ASN A 79 1.99 5.66 -3.82
C ASN A 79 1.49 6.91 -4.58
N PHE A 80 0.60 7.67 -3.96
CA PHE A 80 0.07 8.88 -4.58
C PHE A 80 1.19 9.84 -5.01
N ILE A 81 2.13 10.09 -4.10
CA ILE A 81 3.23 11.00 -4.38
C ILE A 81 4.05 10.52 -5.58
N ASP A 82 4.33 9.23 -5.64
CA ASP A 82 5.12 8.68 -6.75
C ASP A 82 4.39 8.74 -8.09
N GLN A 83 3.06 8.89 -8.05
CA GLN A 83 2.28 8.95 -9.30
C GLN A 83 1.98 10.36 -9.79
N LEU A 84 2.46 11.37 -9.08
CA LEU A 84 2.19 12.75 -9.47
C LEU A 84 2.61 13.14 -10.88
N ASP A 85 3.68 12.53 -11.39
CA ASP A 85 4.16 12.83 -12.74
C ASP A 85 3.17 12.43 -13.84
N ASN A 86 2.45 11.33 -13.61
CA ASN A 86 1.51 10.81 -14.59
C ASN A 86 0.07 10.79 -14.06
N PRO A 87 -0.76 11.74 -14.51
CA PRO A 87 -2.16 11.81 -14.07
C PRO A 87 -2.99 10.56 -14.33
N ASP A 88 -2.70 9.83 -15.40
CA ASP A 88 -3.46 8.62 -15.69
C ASP A 88 -3.18 7.54 -14.65
N ASP A 89 -1.95 7.47 -14.16
CA ASP A 89 -1.61 6.49 -13.16
C ASP A 89 -2.09 6.93 -11.79
N LEU A 90 -2.04 8.23 -11.53
CA LEU A 90 -2.52 8.72 -10.24
C LEU A 90 -4.00 8.40 -10.12
N VAL A 91 -4.75 8.62 -11.18
CA VAL A 91 -6.18 8.35 -11.15
C VAL A 91 -6.52 6.88 -10.91
N CYS A 92 -5.83 5.96 -11.58
CA CYS A 92 -6.15 4.54 -11.39
C CYS A 92 -5.81 4.03 -9.98
N VAL A 93 -4.82 4.62 -9.32
CA VAL A 93 -4.50 4.17 -7.96
C VAL A 93 -5.47 4.82 -6.99
N VAL A 94 -5.87 6.06 -7.27
CA VAL A 94 -6.83 6.74 -6.41
C VAL A 94 -8.17 6.00 -6.45
N GLU A 95 -8.57 5.56 -7.63
CA GLU A 95 -9.83 4.84 -7.76
C GLU A 95 -9.77 3.48 -7.06
N LYS A 96 -8.58 2.90 -6.98
CA LYS A 96 -8.42 1.61 -6.31
C LYS A 96 -8.68 1.80 -4.82
N PHE A 97 -8.09 2.84 -4.24
CA PHE A 97 -8.31 3.09 -2.82
C PHE A 97 -9.70 3.64 -2.53
N ALA A 98 -10.30 4.29 -3.51
CA ALA A 98 -11.64 4.82 -3.33
C ALA A 98 -12.59 3.65 -3.12
N VAL A 99 -12.41 2.59 -3.90
CA VAL A 99 -13.25 1.41 -3.77
C VAL A 99 -13.14 0.81 -2.37
N ASN A 100 -11.93 0.83 -1.81
CA ASN A 100 -11.70 0.31 -0.47
C ASN A 100 -12.55 1.05 0.55
N HIS A 101 -12.81 2.33 0.27
CA HIS A 101 -13.61 3.13 1.19
C HIS A 101 -15.10 3.13 0.86
N ILE A 102 -15.43 2.98 -0.43
CA ILE A 102 -16.83 2.95 -0.82
C ILE A 102 -17.49 1.71 -0.22
N THR A 103 -16.75 0.61 -0.17
CA THR A 103 -17.27 -0.63 0.38
C THR A 103 -17.48 -0.51 1.89
N ARG A 104 -16.77 0.43 2.50
CA ARG A 104 -16.87 0.67 3.94
C ARG A 104 -17.91 1.74 4.25
N LYS A 105 -18.62 2.18 3.21
CA LYS A 105 -19.66 3.19 3.36
C LYS A 105 -19.12 4.56 3.76
N ILE A 106 -17.94 4.90 3.27
CA ILE A 106 -17.32 6.19 3.58
C ILE A 106 -17.62 7.19 2.46
N SER A 107 -18.26 8.30 2.80
CA SER A 107 -18.61 9.33 1.84
C SER A 107 -17.47 10.32 1.63
N ALA A 108 -17.59 11.15 0.60
CA ALA A 108 -16.57 12.15 0.30
C ALA A 108 -16.44 13.12 1.47
N ALA A 109 -17.58 13.45 2.08
CA ALA A 109 -17.59 14.37 3.21
C ALA A 109 -16.87 13.81 4.43
N GLU A 110 -17.09 12.53 4.73
CA GLU A 110 -16.42 11.95 5.88
C GLU A 110 -14.95 11.67 5.63
N PHE A 111 -14.60 11.36 4.38
CA PHE A 111 -13.21 11.13 4.04
C PHE A 111 -12.45 12.44 4.26
N GLY A 112 -13.11 13.55 3.98
CA GLY A 112 -12.51 14.85 4.15
C GLY A 112 -12.18 15.23 5.59
N LYS A 113 -12.67 14.45 6.54
CA LYS A 113 -12.39 14.72 7.95
C LYS A 113 -10.92 14.48 8.26
N ILE A 114 -10.21 13.90 7.30
CA ILE A 114 -8.79 13.61 7.48
C ILE A 114 -7.94 14.88 7.33
N ASN A 115 -8.53 15.92 6.75
CA ASN A 115 -7.81 17.18 6.55
C ASN A 115 -7.38 17.82 7.88
N GLY A 116 -8.24 17.71 8.89
CA GLY A 116 -7.91 18.28 10.19
C GLY A 116 -6.65 17.63 10.74
N PRO A 117 -6.63 16.30 10.85
CA PRO A 117 -5.46 15.58 11.35
C PRO A 117 -4.20 15.88 10.55
N ILE A 118 -4.33 15.92 9.23
CA ILE A 118 -3.19 16.20 8.38
C ILE A 118 -2.60 17.57 8.68
N LYS A 119 -3.46 18.57 8.82
CA LYS A 119 -2.98 19.92 9.11
C LYS A 119 -2.27 19.95 10.46
N LYS A 120 -2.81 19.22 11.44
CA LYS A 120 -2.22 19.19 12.78
C LYS A 120 -0.85 18.55 12.85
N VAL A 121 -0.67 17.40 12.21
CA VAL A 121 0.61 16.72 12.23
C VAL A 121 1.62 17.53 11.40
N LEU A 122 1.15 18.14 10.32
CA LEU A 122 2.02 18.97 9.49
C LEU A 122 2.51 20.13 10.35
N ALA A 123 1.59 20.72 11.11
CA ALA A 123 1.92 21.85 11.98
C ALA A 123 2.95 21.48 13.04
N SER A 124 2.89 20.25 13.53
CA SER A 124 3.84 19.80 14.55
C SER A 124 5.24 19.63 13.97
N LYS A 125 5.34 19.60 12.65
CA LYS A 125 6.62 19.46 11.97
C LYS A 125 7.05 20.80 11.35
N ASN A 126 6.34 21.85 11.74
CA ASN A 126 6.61 23.20 11.26
C ASN A 126 6.22 23.46 9.81
N PHE A 127 5.18 22.78 9.33
CA PHE A 127 4.68 22.99 7.98
C PHE A 127 3.30 23.60 8.15
N GLY A 128 3.17 24.87 7.75
CA GLY A 128 1.93 25.60 7.92
C GLY A 128 0.80 25.37 6.92
N ASP A 129 -0.14 26.31 6.93
CA ASP A 129 -1.32 26.28 6.07
C ASP A 129 -1.02 26.05 4.60
N LYS A 130 0.09 26.61 4.12
CA LYS A 130 0.50 26.45 2.72
C LYS A 130 0.50 24.98 2.35
N TYR A 131 1.14 24.18 3.20
CA TYR A 131 1.26 22.74 2.98
C TYR A 131 -0.04 22.00 3.28
N ALA A 132 -0.77 22.44 4.29
CA ALA A 132 -2.03 21.80 4.63
C ALA A 132 -2.99 21.91 3.44
N ASN A 133 -2.98 23.07 2.81
CA ASN A 133 -3.84 23.31 1.65
C ASN A 133 -3.43 22.46 0.45
N ALA A 134 -2.13 22.24 0.28
CA ALA A 134 -1.64 21.43 -0.82
C ALA A 134 -2.17 20.01 -0.62
N TRP A 135 -2.11 19.53 0.60
CA TRP A 135 -2.57 18.19 0.89
C TRP A 135 -4.09 18.06 0.76
N ALA A 136 -4.78 19.17 0.99
CA ALA A 136 -6.24 19.15 0.88
C ALA A 136 -6.61 18.93 -0.60
N LYS A 137 -5.77 19.46 -1.49
CA LYS A 137 -6.01 19.30 -2.93
C LYS A 137 -5.82 17.84 -3.36
N LEU A 138 -4.87 17.15 -2.74
CA LEU A 138 -4.65 15.75 -3.09
C LEU A 138 -5.81 14.93 -2.55
N VAL A 139 -6.20 15.21 -1.30
CA VAL A 139 -7.33 14.52 -0.69
C VAL A 139 -8.57 14.72 -1.54
N ALA A 140 -8.70 15.90 -2.13
CA ALA A 140 -9.86 16.21 -2.98
C ALA A 140 -9.96 15.29 -4.20
N VAL A 141 -8.82 14.77 -4.67
CA VAL A 141 -8.84 13.87 -5.81
C VAL A 141 -9.52 12.57 -5.40
N VAL A 142 -9.23 12.12 -4.18
CA VAL A 142 -9.86 10.90 -3.69
C VAL A 142 -11.35 11.15 -3.46
N GLN A 143 -11.67 12.32 -2.90
CA GLN A 143 -13.07 12.66 -2.65
C GLN A 143 -13.90 12.64 -3.93
N ALA A 144 -13.30 13.06 -5.04
CA ALA A 144 -14.01 13.09 -6.31
C ALA A 144 -14.37 11.70 -6.80
N ALA A 145 -13.68 10.68 -6.29
CA ALA A 145 -13.93 9.31 -6.69
C ALA A 145 -14.86 8.54 -5.75
N LEU A 146 -15.29 9.19 -4.66
CA LEU A 146 -16.17 8.53 -3.70
C LEU A 146 -17.64 8.82 -3.95
N SER B 2 4.80 -19.78 14.34
CA SER B 2 4.02 -18.52 14.21
C SER B 2 4.57 -17.67 13.08
N VAL B 3 3.91 -16.54 12.82
CA VAL B 3 4.35 -15.62 11.78
C VAL B 3 5.65 -14.98 12.26
N TYR B 4 5.70 -14.69 13.56
CA TYR B 4 6.89 -14.09 14.15
C TYR B 4 8.09 -15.00 13.93
N ASP B 5 7.89 -16.30 14.12
CA ASP B 5 8.98 -17.26 13.95
C ASP B 5 9.47 -17.26 12.51
N ALA B 6 8.54 -17.23 11.56
CA ALA B 6 8.88 -17.24 10.15
C ALA B 6 9.64 -15.96 9.79
N ALA B 7 9.24 -14.85 10.40
CA ALA B 7 9.89 -13.55 10.14
C ALA B 7 11.25 -13.47 10.80
N ALA B 8 11.29 -13.76 12.10
CA ALA B 8 12.52 -13.71 12.86
C ALA B 8 13.61 -14.62 12.30
N GLN B 9 13.23 -15.56 11.43
CA GLN B 9 14.22 -16.45 10.85
C GLN B 9 14.92 -15.89 9.61
N LEU B 10 14.34 -14.85 8.99
CA LEU B 10 14.93 -14.24 7.80
C LEU B 10 16.32 -13.73 8.19
N THR B 11 17.36 -14.34 7.63
CA THR B 11 18.74 -13.98 7.95
C THR B 11 19.32 -12.76 7.24
N ALA B 12 20.50 -12.33 7.70
CA ALA B 12 21.18 -11.19 7.11
C ALA B 12 21.43 -11.38 5.63
N ASP B 13 21.81 -12.60 5.24
CA ASP B 13 22.07 -12.89 3.84
C ASP B 13 20.79 -12.86 3.02
N VAL B 14 19.71 -13.40 3.56
CA VAL B 14 18.43 -13.40 2.87
C VAL B 14 17.92 -11.98 2.70
N LYS B 15 18.05 -11.17 3.74
CA LYS B 15 17.59 -9.77 3.67
C LYS B 15 18.41 -9.02 2.63
N LYS B 16 19.70 -9.31 2.56
CA LYS B 16 20.59 -8.67 1.59
C LYS B 16 20.14 -8.98 0.16
N ASP B 17 19.84 -10.25 -0.11
CA ASP B 17 19.40 -10.64 -1.44
C ASP B 17 18.05 -10.02 -1.78
N LEU B 18 17.17 -9.93 -0.79
CA LEU B 18 15.86 -9.33 -1.01
C LEU B 18 16.00 -7.86 -1.36
N ARG B 19 16.80 -7.14 -0.57
CA ARG B 19 16.99 -5.72 -0.82
C ARG B 19 17.71 -5.44 -2.14
N ASP B 20 18.73 -6.23 -2.47
CA ASP B 20 19.46 -6.04 -3.72
C ASP B 20 18.58 -6.24 -4.93
N SER B 21 17.74 -7.28 -4.90
CA SER B 21 16.87 -7.55 -6.03
C SER B 21 15.71 -6.56 -6.10
N TRP B 22 15.22 -6.11 -4.96
CA TRP B 22 14.11 -5.17 -4.95
C TRP B 22 14.56 -3.81 -5.48
N LYS B 23 15.84 -3.48 -5.32
CA LYS B 23 16.35 -2.21 -5.84
C LYS B 23 16.04 -2.12 -7.32
N VAL B 24 16.09 -3.27 -7.98
CA VAL B 24 15.84 -3.35 -9.42
C VAL B 24 14.38 -3.58 -9.79
N ILE B 25 13.78 -4.67 -9.31
CA ILE B 25 12.40 -4.94 -9.67
C ILE B 25 11.43 -3.93 -9.06
N GLY B 26 11.82 -3.31 -7.95
CA GLY B 26 10.96 -2.34 -7.33
C GLY B 26 11.10 -0.94 -7.92
N SER B 27 12.04 -0.76 -8.85
CA SER B 27 12.27 0.54 -9.47
C SER B 27 11.26 0.86 -10.57
N ASP B 28 10.58 -0.17 -11.09
CA ASP B 28 9.57 0.03 -12.11
C ASP B 28 8.34 -0.72 -11.63
N LYS B 29 7.64 -0.13 -10.67
CA LYS B 29 6.47 -0.77 -10.08
C LYS B 29 5.32 -1.02 -11.06
N LYS B 30 5.07 -0.08 -11.95
CA LYS B 30 4.00 -0.26 -12.93
C LYS B 30 4.32 -1.40 -13.88
N GLY B 31 5.52 -1.36 -14.47
CA GLY B 31 5.91 -2.39 -15.42
C GLY B 31 6.04 -3.77 -14.83
N ASN B 32 6.77 -3.88 -13.72
CA ASN B 32 6.96 -5.18 -13.09
C ASN B 32 5.73 -5.68 -12.34
N GLY B 33 4.90 -4.75 -11.88
CA GLY B 33 3.69 -5.13 -11.18
C GLY B 33 2.72 -5.79 -12.14
N VAL B 34 2.54 -5.18 -13.30
CA VAL B 34 1.64 -5.73 -14.30
C VAL B 34 2.20 -7.05 -14.84
N ALA B 35 3.52 -7.11 -14.99
CA ALA B 35 4.17 -8.33 -15.48
C ALA B 35 3.92 -9.49 -14.51
N LEU B 36 3.98 -9.22 -13.22
CA LEU B 36 3.73 -10.25 -12.21
C LEU B 36 2.31 -10.79 -12.33
N MET B 37 1.34 -9.89 -12.41
CA MET B 37 -0.06 -10.30 -12.51
C MET B 37 -0.37 -11.04 -13.80
N THR B 38 0.11 -10.52 -14.93
CA THR B 38 -0.17 -11.17 -16.21
C THR B 38 0.44 -12.55 -16.26
N THR B 39 1.61 -12.72 -15.63
CA THR B 39 2.27 -14.01 -15.60
C THR B 39 1.48 -14.98 -14.71
N LEU B 40 0.93 -14.46 -13.62
CA LEU B 40 0.12 -15.30 -12.73
C LEU B 40 -1.09 -15.83 -13.50
N PHE B 41 -1.72 -14.96 -14.28
CA PHE B 41 -2.89 -15.36 -15.04
C PHE B 41 -2.55 -16.29 -16.18
N ALA B 42 -1.35 -16.14 -16.75
CA ALA B 42 -0.95 -16.97 -17.86
C ALA B 42 -0.62 -18.39 -17.44
N ASP B 43 0.10 -18.52 -16.32
CA ASP B 43 0.51 -19.83 -15.82
C ASP B 43 -0.48 -20.51 -14.89
N ASN B 44 -1.37 -19.72 -14.28
CA ASN B 44 -2.37 -20.27 -13.37
C ASN B 44 -3.73 -19.69 -13.72
N GLN B 45 -4.26 -20.10 -14.86
CA GLN B 45 -5.54 -19.60 -15.34
C GLN B 45 -6.70 -19.81 -14.36
N GLU B 46 -6.57 -20.77 -13.46
CA GLU B 46 -7.64 -21.04 -12.50
C GLU B 46 -7.84 -19.90 -11.49
N THR B 47 -6.90 -18.95 -11.46
CA THR B 47 -7.01 -17.83 -10.52
C THR B 47 -7.71 -16.61 -11.10
N ILE B 48 -7.89 -16.59 -12.42
CA ILE B 48 -8.53 -15.46 -13.08
C ILE B 48 -9.88 -15.09 -12.46
N GLY B 49 -10.68 -16.11 -12.13
CA GLY B 49 -11.98 -15.87 -11.54
C GLY B 49 -12.00 -15.05 -10.26
N TYR B 50 -10.94 -15.15 -9.45
CA TYR B 50 -10.84 -14.40 -8.21
C TYR B 50 -10.74 -12.90 -8.42
N PHE B 51 -10.31 -12.51 -9.62
CA PHE B 51 -10.10 -11.10 -9.93
C PHE B 51 -11.17 -10.47 -10.81
N LYS B 52 -12.41 -10.93 -10.69
CA LYS B 52 -13.50 -10.40 -11.49
C LYS B 52 -13.70 -8.88 -11.36
N ARG B 53 -13.35 -8.31 -10.21
CA ARG B 53 -13.53 -6.86 -10.03
C ARG B 53 -12.66 -6.07 -11.00
N LEU B 54 -11.56 -6.67 -11.43
CA LEU B 54 -10.64 -5.99 -12.34
C LEU B 54 -11.06 -6.00 -13.80
N GLY B 55 -12.13 -6.72 -14.12
CA GLY B 55 -12.59 -6.77 -15.49
C GLY B 55 -11.80 -7.74 -16.36
N ASP B 56 -11.58 -7.35 -17.62
CA ASP B 56 -10.84 -8.20 -18.55
C ASP B 56 -9.33 -8.04 -18.34
N VAL B 57 -8.73 -8.95 -17.58
CA VAL B 57 -7.30 -8.86 -17.30
C VAL B 57 -6.40 -9.14 -18.49
N SER B 58 -6.97 -9.60 -19.59
CA SER B 58 -6.16 -9.87 -20.78
C SER B 58 -5.77 -8.54 -21.44
N GLN B 59 -6.40 -7.46 -20.99
CA GLN B 59 -6.13 -6.14 -21.54
C GLN B 59 -4.78 -5.59 -21.08
N GLY B 60 -4.22 -6.22 -20.05
CA GLY B 60 -2.93 -5.80 -19.54
C GLY B 60 -2.85 -4.36 -19.09
N MET B 61 -1.77 -3.70 -19.47
CA MET B 61 -1.50 -2.31 -19.11
C MET B 61 -2.65 -1.34 -19.42
N ALA B 62 -3.43 -1.63 -20.46
CA ALA B 62 -4.55 -0.77 -20.85
C ALA B 62 -5.70 -0.79 -19.86
N ASN B 63 -5.80 -1.88 -19.10
CA ASN B 63 -6.85 -2.02 -18.11
C ASN B 63 -6.47 -1.18 -16.89
N ASP B 64 -7.15 -0.06 -16.70
CA ASP B 64 -6.84 0.83 -15.59
C ASP B 64 -7.02 0.18 -14.21
N LYS B 65 -8.01 -0.68 -14.07
CA LYS B 65 -8.23 -1.34 -12.78
C LYS B 65 -7.09 -2.31 -12.48
N LEU B 66 -6.64 -3.03 -13.50
CA LEU B 66 -5.54 -3.96 -13.33
C LEU B 66 -4.25 -3.19 -13.03
N ARG B 67 -4.07 -2.07 -13.73
CA ARG B 67 -2.88 -1.26 -13.52
C ARG B 67 -2.85 -0.69 -12.10
N GLY B 68 -4.00 -0.19 -11.65
CA GLY B 68 -4.07 0.37 -10.30
C GLY B 68 -3.81 -0.69 -9.25
N HIS B 69 -4.33 -1.88 -9.47
CA HIS B 69 -4.13 -2.99 -8.56
C HIS B 69 -2.66 -3.41 -8.52
N SER B 70 -2.08 -3.55 -9.69
CA SER B 70 -0.68 -3.97 -9.84
C SER B 70 0.31 -3.03 -9.19
N ILE B 71 0.09 -1.73 -9.37
CA ILE B 71 0.98 -0.75 -8.76
C ILE B 71 0.88 -0.84 -7.25
N THR B 72 -0.35 -0.92 -6.74
CA THR B 72 -0.57 -1.00 -5.32
C THR B 72 0.05 -2.27 -4.73
N LEU B 73 -0.01 -3.37 -5.45
CA LEU B 73 0.56 -4.61 -4.96
C LEU B 73 2.08 -4.43 -4.74
N MET B 74 2.71 -3.67 -5.62
CA MET B 74 4.15 -3.44 -5.50
C MET B 74 4.49 -2.61 -4.26
N TYR B 75 3.54 -1.81 -3.78
CA TYR B 75 3.79 -1.02 -2.59
C TYR B 75 3.61 -1.88 -1.34
N ALA B 76 2.89 -2.99 -1.48
CA ALA B 76 2.70 -3.90 -0.37
C ALA B 76 4.06 -4.57 -0.20
N LEU B 77 4.71 -4.88 -1.32
CA LEU B 77 6.03 -5.51 -1.25
C LEU B 77 7.04 -4.49 -0.75
N GLN B 78 6.90 -3.24 -1.17
CA GLN B 78 7.80 -2.19 -0.71
C GLN B 78 7.72 -2.11 0.81
N ASN B 79 6.49 -2.19 1.32
CA ASN B 79 6.21 -2.14 2.75
C ASN B 79 6.97 -3.27 3.44
N PHE B 80 6.84 -4.49 2.93
CA PHE B 80 7.53 -5.64 3.52
C PHE B 80 9.04 -5.43 3.57
N ILE B 81 9.61 -5.03 2.44
CA ILE B 81 11.04 -4.81 2.36
C ILE B 81 11.53 -3.78 3.37
N ASP B 82 10.78 -2.69 3.53
CA ASP B 82 11.17 -1.65 4.47
C ASP B 82 11.09 -2.09 5.93
N GLN B 83 10.28 -3.10 6.23
CA GLN B 83 10.14 -3.59 7.61
C GLN B 83 11.03 -4.77 7.97
N LEU B 84 11.88 -5.21 7.05
CA LEU B 84 12.74 -6.38 7.30
C LEU B 84 13.55 -6.39 8.60
N ASP B 85 14.08 -5.24 9.01
CA ASP B 85 14.89 -5.20 10.21
C ASP B 85 14.15 -5.13 11.54
N ASN B 86 12.82 -5.06 11.49
CA ASN B 86 12.04 -5.03 12.72
C ASN B 86 10.91 -6.03 12.57
N PRO B 87 11.15 -7.28 12.98
CA PRO B 87 10.14 -8.35 12.89
C PRO B 87 8.76 -7.97 13.45
N ASP B 88 8.74 -7.17 14.51
CA ASP B 88 7.47 -6.77 15.10
C ASP B 88 6.65 -5.97 14.11
N ASP B 89 7.29 -5.06 13.38
CA ASP B 89 6.59 -4.24 12.40
C ASP B 89 6.25 -5.08 11.17
N LEU B 90 7.16 -5.94 10.76
CA LEU B 90 6.91 -6.80 9.60
C LEU B 90 5.70 -7.67 9.87
N VAL B 91 5.63 -8.25 11.07
CA VAL B 91 4.51 -9.11 11.41
C VAL B 91 3.16 -8.39 11.37
N CYS B 92 3.08 -7.16 11.88
CA CYS B 92 1.79 -6.49 11.88
C CYS B 92 1.34 -6.05 10.49
N VAL B 93 2.28 -5.79 9.58
CA VAL B 93 1.86 -5.41 8.22
C VAL B 93 1.49 -6.68 7.45
N VAL B 94 2.20 -7.77 7.71
CA VAL B 94 1.90 -9.05 7.05
C VAL B 94 0.50 -9.52 7.46
N GLU B 95 0.19 -9.40 8.74
CA GLU B 95 -1.13 -9.83 9.20
C GLU B 95 -2.23 -8.97 8.59
N LYS B 96 -1.92 -7.70 8.36
CA LYS B 96 -2.91 -6.80 7.76
C LYS B 96 -3.25 -7.28 6.36
N PHE B 97 -2.23 -7.56 5.55
CA PHE B 97 -2.47 -8.03 4.19
C PHE B 97 -3.00 -9.45 4.15
N ALA B 98 -2.73 -10.22 5.20
CA ALA B 98 -3.23 -11.59 5.25
C ALA B 98 -4.75 -11.54 5.34
N VAL B 99 -5.26 -10.61 6.14
CA VAL B 99 -6.71 -10.46 6.30
C VAL B 99 -7.37 -10.13 4.95
N ASN B 100 -6.71 -9.30 4.15
CA ASN B 100 -7.22 -8.92 2.83
C ASN B 100 -7.40 -10.17 1.97
N HIS B 101 -6.59 -11.19 2.19
CA HIS B 101 -6.69 -12.39 1.39
C HIS B 101 -7.56 -13.46 2.04
N ILE B 102 -7.57 -13.48 3.37
CA ILE B 102 -8.40 -14.44 4.10
C ILE B 102 -9.87 -14.15 3.78
N THR B 103 -10.21 -12.87 3.67
CA THR B 103 -11.59 -12.48 3.36
C THR B 103 -11.99 -12.96 1.97
N ARG B 104 -11.01 -13.13 1.09
CA ARG B 104 -11.28 -13.60 -0.27
C ARG B 104 -11.14 -15.12 -0.40
N LYS B 105 -10.94 -15.78 0.73
CA LYS B 105 -10.81 -17.23 0.77
C LYS B 105 -9.57 -17.75 0.05
N ILE B 106 -8.47 -17.03 0.16
CA ILE B 106 -7.22 -17.44 -0.48
C ILE B 106 -6.42 -18.22 0.56
N SER B 107 -6.19 -19.50 0.29
CA SER B 107 -5.45 -20.37 1.20
C SER B 107 -3.94 -20.12 1.11
N ALA B 108 -3.21 -20.68 2.06
CA ALA B 108 -1.75 -20.53 2.07
C ALA B 108 -1.17 -21.16 0.80
N ALA B 109 -1.73 -22.29 0.38
CA ALA B 109 -1.26 -22.97 -0.81
C ALA B 109 -1.47 -22.12 -2.07
N GLU B 110 -2.64 -21.50 -2.17
CA GLU B 110 -2.94 -20.67 -3.33
C GLU B 110 -2.09 -19.41 -3.35
N PHE B 111 -1.84 -18.85 -2.18
CA PHE B 111 -1.02 -17.64 -2.11
C PHE B 111 0.38 -17.97 -2.62
N GLY B 112 0.83 -19.20 -2.36
CA GLY B 112 2.14 -19.64 -2.82
C GLY B 112 2.27 -19.72 -4.33
N LYS B 113 1.17 -19.63 -5.05
CA LYS B 113 1.23 -19.70 -6.51
C LYS B 113 1.97 -18.50 -7.09
N ILE B 114 2.18 -17.47 -6.27
CA ILE B 114 2.86 -16.26 -6.71
C ILE B 114 4.37 -16.50 -6.88
N ASN B 115 4.88 -17.57 -6.28
CA ASN B 115 6.31 -17.86 -6.39
C ASN B 115 6.79 -18.08 -7.82
N GLY B 116 5.96 -18.73 -8.63
CA GLY B 116 6.34 -18.96 -10.02
C GLY B 116 6.53 -17.64 -10.74
N PRO B 117 5.52 -16.74 -10.71
CA PRO B 117 5.63 -15.45 -11.36
C PRO B 117 6.81 -14.61 -10.85
N ILE B 118 7.04 -14.64 -9.54
CA ILE B 118 8.15 -13.87 -8.98
C ILE B 118 9.47 -14.39 -9.54
N LYS B 119 9.61 -15.71 -9.60
CA LYS B 119 10.83 -16.29 -10.13
C LYS B 119 11.07 -15.85 -11.58
N LYS B 120 10.01 -15.82 -12.37
CA LYS B 120 10.13 -15.42 -13.77
C LYS B 120 10.48 -13.94 -13.91
N VAL B 121 9.85 -13.09 -13.12
CA VAL B 121 10.13 -11.66 -13.18
C VAL B 121 11.57 -11.41 -12.75
N LEU B 122 12.02 -12.11 -11.70
CA LEU B 122 13.39 -11.96 -11.23
C LEU B 122 14.37 -12.37 -12.33
N ALA B 123 14.07 -13.49 -12.98
CA ALA B 123 14.91 -14.01 -14.04
C ALA B 123 15.01 -13.06 -15.23
N SER B 124 13.96 -12.29 -15.47
CA SER B 124 13.98 -11.35 -16.59
C SER B 124 15.02 -10.26 -16.36
N LYS B 125 15.42 -10.09 -15.10
CA LYS B 125 16.42 -9.08 -14.74
C LYS B 125 17.72 -9.77 -14.33
N ASN B 126 17.82 -11.05 -14.64
CA ASN B 126 18.99 -11.86 -14.36
C ASN B 126 19.27 -12.20 -12.89
N PHE B 127 18.22 -12.27 -12.10
CA PHE B 127 18.36 -12.65 -10.69
C PHE B 127 17.97 -14.12 -10.66
N GLY B 128 18.96 -14.97 -10.36
CA GLY B 128 18.77 -16.41 -10.35
C GLY B 128 18.03 -17.07 -9.19
N ASP B 129 18.19 -18.39 -9.11
CA ASP B 129 17.52 -19.19 -8.10
C ASP B 129 17.75 -18.76 -6.66
N LYS B 130 18.95 -18.29 -6.35
CA LYS B 130 19.26 -17.84 -5.00
C LYS B 130 18.27 -16.76 -4.58
N TYR B 131 18.02 -15.82 -5.48
CA TYR B 131 17.09 -14.73 -5.23
C TYR B 131 15.65 -15.21 -5.17
N ALA B 132 15.29 -16.15 -6.03
CA ALA B 132 13.93 -16.68 -6.03
C ALA B 132 13.68 -17.38 -4.70
N ASN B 133 14.70 -18.05 -4.19
CA ASN B 133 14.58 -18.74 -2.91
C ASN B 133 14.39 -17.74 -1.77
N ALA B 134 15.09 -16.60 -1.86
CA ALA B 134 14.97 -15.57 -0.84
C ALA B 134 13.53 -15.05 -0.82
N TRP B 135 12.99 -14.78 -1.99
CA TRP B 135 11.62 -14.29 -2.07
C TRP B 135 10.59 -15.32 -1.61
N ALA B 136 10.89 -16.61 -1.83
CA ALA B 136 9.97 -17.64 -1.39
C ALA B 136 9.92 -17.64 0.14
N LYS B 137 11.02 -17.28 0.78
CA LYS B 137 11.07 -17.22 2.23
C LYS B 137 10.21 -16.06 2.74
N LEU B 138 10.16 -14.98 1.98
CA LEU B 138 9.35 -13.82 2.39
C LEU B 138 7.88 -14.18 2.20
N VAL B 139 7.57 -14.83 1.08
CA VAL B 139 6.19 -15.24 0.81
C VAL B 139 5.74 -16.20 1.90
N ALA B 140 6.67 -17.02 2.39
CA ALA B 140 6.36 -17.99 3.44
C ALA B 140 5.93 -17.32 4.74
N VAL B 141 6.38 -16.08 4.96
CA VAL B 141 6.00 -15.36 6.17
C VAL B 141 4.51 -15.05 6.09
N VAL B 142 4.05 -14.69 4.89
CA VAL B 142 2.64 -14.39 4.69
C VAL B 142 1.83 -15.68 4.80
N GLN B 143 2.36 -16.77 4.26
CA GLN B 143 1.68 -18.05 4.31
C GLN B 143 1.48 -18.53 5.74
N ALA B 144 2.37 -18.13 6.64
CA ALA B 144 2.27 -18.53 8.04
C ALA B 144 1.06 -17.86 8.70
N ALA B 145 0.54 -16.82 8.06
CA ALA B 145 -0.61 -16.09 8.57
C ALA B 145 -1.90 -16.52 7.89
N LEU B 146 -1.81 -17.40 6.89
CA LEU B 146 -2.99 -17.86 6.17
C LEU B 146 -3.42 -19.28 6.53
CHA HEM C . -8.91 1.34 5.33
CHB HEM C . -6.08 4.68 3.20
CHC HEM C . -8.82 8.20 5.20
CHD HEM C . -11.97 4.82 6.77
C1A HEM C . -7.88 1.96 4.62
C2A HEM C . -6.82 1.24 3.94
C3A HEM C . -6.02 2.16 3.38
C4A HEM C . -6.57 3.47 3.68
CMA HEM C . -4.74 1.88 2.58
CAA HEM C . -6.75 -0.28 3.84
CBA HEM C . -7.67 -0.77 2.75
CGA HEM C . -8.00 -2.24 2.89
O1A HEM C . -7.08 -3.05 3.13
O2A HEM C . -9.20 -2.60 2.75
C1B HEM C . -6.62 5.93 3.51
C2B HEM C . -6.02 7.21 3.15
C3B HEM C . -6.73 8.17 3.79
C4B HEM C . -7.80 7.53 4.51
CMB HEM C . -4.85 7.38 2.17
CAB HEM C . -6.54 9.56 3.75
CBB HEM C . -5.27 10.24 3.68
C1C HEM C . -9.92 7.59 5.80
C2C HEM C . -10.97 8.29 6.52
C3C HEM C . -11.87 7.34 6.97
C4C HEM C . -11.36 6.05 6.50
CMC HEM C . -11.00 9.79 6.78
CAC HEM C . -12.98 7.49 7.82
CBC HEM C . -13.75 8.69 8.05
C1D HEM C . -11.40 3.56 6.53
C2D HEM C . -11.94 2.30 7.02
C3D HEM C . -11.05 1.35 6.65
C4D HEM C . -9.97 2.00 5.94
CMD HEM C . -13.24 2.08 7.80
CAD HEM C . -11.12 -0.13 7.01
CBD HEM C . -10.24 -0.50 8.18
CGD HEM C . -10.25 -1.99 8.44
O1D HEM C . -11.30 -2.53 8.83
O2D HEM C . -9.19 -2.63 8.26
NA HEM C . -7.73 3.32 4.44
NB HEM C . -7.73 6.14 4.33
NC HEM C . -10.15 6.22 5.82
ND HEM C . -10.19 3.36 5.90
FE HEM C . -8.95 4.76 5.12
C CMO D . -8.05 4.90 6.79
O CMO D . -7.59 5.07 7.91
C1 LT1 E . 2.55 15.11 4.11
C2 LT1 E . 2.22 14.54 5.46
C3 LT1 E . 0.92 13.76 5.34
C4 LT1 E . 0.71 13.18 6.70
C5 LT1 E . 0.94 11.82 6.85
C6 LT1 E . 0.80 11.25 8.10
C7 LT1 E . 0.43 12.01 9.19
C8 LT1 E . 0.18 13.38 9.03
C9 LT1 E . 0.33 13.97 7.78
CL1 LT1 E . 4.08 16.00 4.33
CHA HEM F . -5.94 -8.15 -3.49
CHB HEM F . -1.18 -8.02 -2.42
CHC HEM F . -0.76 -12.63 -3.96
CHD HEM F . -5.59 -12.87 -4.60
C1A HEM F . -4.65 -7.71 -3.13
C2A HEM F . -4.38 -6.38 -2.61
C3A HEM F . -3.06 -6.33 -2.32
C4A HEM F . -2.51 -7.63 -2.63
CMA HEM F . -2.27 -5.14 -1.78
CAA HEM F . -5.45 -5.31 -2.41
CBA HEM F . -6.20 -5.59 -1.11
CGA HEM F . -7.48 -4.81 -0.99
O1A HEM F . -7.46 -3.59 -1.28
O2A HEM F . -8.51 -5.40 -0.60
C1B HEM F . -0.66 -9.29 -2.70
C2B HEM F . 0.74 -9.66 -2.55
C3B HEM F . 0.86 -10.94 -3.03
C4B HEM F . -0.46 -11.36 -3.44
CMB HEM F . 1.86 -8.80 -1.98
CAB HEM F . 2.01 -11.74 -3.06
CBB HEM F . 3.32 -11.34 -3.51
C1C HEM F . -2.05 -13.08 -4.29
C2C HEM F . -2.33 -14.39 -4.85
C3C HEM F . -3.69 -14.46 -5.02
C4C HEM F . -4.23 -13.21 -4.56
CMC HEM F . -1.31 -15.43 -5.28
CAC HEM F . -4.48 -15.50 -5.58
CBC HEM F . -4.18 -16.90 -5.63
C1D HEM F . -6.10 -11.59 -4.33
C2D HEM F . -7.47 -11.21 -4.60
C3D HEM F . -7.57 -9.90 -4.34
C4D HEM F . -6.26 -9.46 -3.88
CMD HEM F . -8.59 -12.12 -5.10
CAD HEM F . -8.80 -9.03 -4.54
CBD HEM F . -8.73 -8.22 -5.82
CGD HEM F . -9.85 -7.21 -5.93
O1D HEM F . -11.02 -7.62 -6.10
O2D HEM F . -9.57 -6.00 -5.83
NA HEM F . -3.50 -8.47 -3.12
NB HEM F . -1.39 -10.34 -3.23
NC HEM F . -3.21 -12.34 -4.14
ND HEM F . -5.34 -10.50 -3.94
FE HEM F . -3.35 -10.42 -3.59
C CMO G . -3.09 -9.99 -5.38
O CMO G . -2.80 -9.83 -6.56
#